data_8BM4
#
_entry.id   8BM4
#
_entity_poly.entity_id   1
_entity_poly.type   'polydeoxyribonucleotide'
_entity_poly.pdbx_seq_one_letter_code
;(DG)(DA)(DG)(DA)(DC)(DG)(DA)(DG)(DC)(DG)(DA)(DG)(DC)(DG)(DA)(DA)(DA)(DG)(DC)(DA)
(DC)(DG)(DA)(DA)(DC)(DG)(DA)(DG)(DT)(DC)(DT)(DC)
;
_entity_poly.pdbx_strand_id   A
#
loop_
_chem_comp.id
_chem_comp.type
_chem_comp.name
_chem_comp.formula
DA DNA linking 2'-DEOXYADENOSINE-5'-MONOPHOSPHATE 'C10 H14 N5 O6 P'
DC DNA linking 2'-DEOXYCYTIDINE-5'-MONOPHOSPHATE 'C9 H14 N3 O7 P'
DG DNA linking 2'-DEOXYGUANOSINE-5'-MONOPHOSPHATE 'C10 H14 N5 O7 P'
DT DNA linking THYMIDINE-5'-MONOPHOSPHATE 'C10 H15 N2 O8 P'
#